data_6WTQ
#
_entry.id   6WTQ
#
_cell.length_a   79.362
_cell.length_b   79.362
_cell.length_c   84.640
_cell.angle_alpha   90.000
_cell.angle_beta   90.000
_cell.angle_gamma   120.000
#
_symmetry.space_group_name_H-M   'P 31 2 1'
#
loop_
_entity.id
_entity.type
_entity.pdbx_description
1 polymer 'Tyrosine-protein kinase JAK2'
2 non-polymer N-methyl-4-{[4-(1-propyl-1H-pyrazol-4-yl)-7H-pyrrolo[2,3-d]pyrimidin-2-yl]amino}benzamide
3 non-polymer 2-AMINO-2-HYDROXYMETHYL-PROPANE-1,3-DIOL
4 non-polymer 1,2-ETHANEDIOL
5 water water
#
_entity_poly.entity_id   1
_entity_poly.type   'polypeptide(L)'
_entity_poly.pdbx_seq_one_letter_code
;MAFEDRDPTQFEERHLKFLQQLGKGNFGSVEMCRYDPLQDNTGEVVAVKKLQHSTEEHLRDFEREIEILKSLQHDNIVKY
KGVCYSAGRRNLKLIMEYLPYGSLRDYLQKHKERIDHIKLLQYTSQICKGMEYLGTKRYIHRDLATRNILVENENRVKIG
DFGLTKVLPQDKE(PTR)(PTR)KVKEPGESPIFWYAPESLTESKFSVASDVWSFGVVLYELFTYIEKSKSPPAEFMRMI
GNDKQGQMIVFHLIELLKNNGRLPRPDGCPDEIYMIMTECWNNNVNQRPSFRDLALRVDQIRDNMAGGSGSENLYFQ
;
_entity_poly.pdbx_strand_id   A
#
loop_
_chem_comp.id
_chem_comp.type
_chem_comp.name
_chem_comp.formula
EDO non-polymer 1,2-ETHANEDIOL 'C2 H6 O2'
TRS non-polymer 2-AMINO-2-HYDROXYMETHYL-PROPANE-1,3-DIOL 'C4 H12 N O3 1'
U8J non-polymer N-methyl-4-{[4-(1-propyl-1H-pyrazol-4-yl)-7H-pyrrolo[2,3-d]pyrimidin-2-yl]amino}benzamide 'C20 H21 N7 O'
#
# COMPACT_ATOMS: atom_id res chain seq x y z
N LEU A 16 3.12 21.83 20.89
CA LEU A 16 3.16 21.46 19.48
C LEU A 16 3.20 22.70 18.61
N LYS A 17 4.31 22.88 17.89
CA LYS A 17 4.53 24.04 17.05
C LYS A 17 4.55 23.60 15.58
N PHE A 18 3.62 24.13 14.80
CA PHE A 18 3.55 23.82 13.37
C PHE A 18 4.87 24.19 12.70
N LEU A 19 5.37 23.28 11.86
CA LEU A 19 6.54 23.57 11.02
C LEU A 19 6.17 23.63 9.55
N GLN A 20 5.63 22.55 8.99
CA GLN A 20 5.22 22.56 7.58
C GLN A 20 4.19 21.47 7.36
N GLN A 21 3.41 21.63 6.30
CA GLN A 21 2.44 20.63 5.88
C GLN A 21 3.13 19.58 5.02
N LEU A 22 2.82 18.31 5.28
CA LEU A 22 3.46 17.19 4.60
C LEU A 22 2.55 16.54 3.55
N GLY A 23 1.29 16.29 3.90
CA GLY A 23 0.38 15.63 2.98
C GLY A 23 -0.92 16.37 2.73
N SER A 29 -5.51 15.97 6.72
CA SER A 29 -4.20 16.44 6.32
C SER A 29 -3.15 16.09 7.36
N VAL A 30 -1.89 16.03 6.92
CA VAL A 30 -0.77 15.68 7.78
C VAL A 30 0.21 16.85 7.77
N GLU A 31 0.72 17.19 8.96
CA GLU A 31 1.60 18.33 9.14
C GLU A 31 2.83 17.91 9.93
N MET A 32 3.93 18.62 9.71
CA MET A 32 5.14 18.43 10.50
C MET A 32 5.16 19.45 11.63
N CYS A 33 5.23 18.97 12.88
CA CYS A 33 5.15 19.83 14.04
C CYS A 33 6.27 19.51 15.03
N ARG A 34 6.54 20.48 15.92
CA ARG A 34 7.56 20.33 16.95
C ARG A 34 6.87 20.26 18.31
N TYR A 35 6.97 19.11 18.98
CA TYR A 35 6.43 18.94 20.33
C TYR A 35 7.54 19.24 21.32
N ASP A 36 7.68 20.53 21.63
CA ASP A 36 8.75 21.03 22.50
C ASP A 36 8.12 21.69 23.72
N PRO A 37 7.86 20.93 24.78
CA PRO A 37 7.47 21.56 26.05
C PRO A 37 8.63 22.37 26.64
N LEU A 38 8.85 23.56 26.07
CA LEU A 38 9.97 24.43 26.43
C LEU A 38 11.30 23.70 26.34
N GLU A 44 11.57 15.51 19.01
CA GLU A 44 10.66 16.64 19.15
C GLU A 44 9.92 16.89 17.84
N VAL A 45 10.42 16.33 16.75
CA VAL A 45 9.77 16.44 15.44
C VAL A 45 8.82 15.26 15.28
N VAL A 46 7.55 15.56 15.02
CA VAL A 46 6.50 14.54 14.89
C VAL A 46 5.59 14.93 13.73
N ALA A 47 4.84 13.93 13.24
CA ALA A 47 3.82 14.15 12.23
C ALA A 47 2.45 14.14 12.91
N VAL A 48 1.59 15.08 12.51
CA VAL A 48 0.29 15.28 13.15
C VAL A 48 -0.77 15.19 12.07
N LYS A 49 -1.66 14.21 12.18
CA LYS A 49 -2.80 14.06 11.27
C LYS A 49 -4.01 14.73 11.91
N LYS A 50 -4.64 15.63 11.16
CA LYS A 50 -5.85 16.32 11.58
C LYS A 50 -6.94 16.07 10.54
N LEU A 51 -8.18 16.37 10.92
CA LEU A 51 -9.33 16.19 10.04
C LEU A 51 -9.67 17.52 9.37
N GLN A 52 -9.92 17.48 8.06
CA GLN A 52 -10.32 18.68 7.33
C GLN A 52 -11.73 19.11 7.74
N HIS A 53 -12.73 18.34 7.33
CA HIS A 53 -14.13 18.59 7.71
C HIS A 53 -14.46 17.72 8.90
N SER A 54 -14.48 18.32 10.09
CA SER A 54 -14.69 17.59 11.34
C SER A 54 -16.18 17.32 11.54
N THR A 55 -16.69 16.38 10.76
CA THR A 55 -18.08 15.94 10.88
C THR A 55 -18.19 14.81 11.90
N GLU A 56 -19.43 14.45 12.23
CA GLU A 56 -19.66 13.32 13.12
C GLU A 56 -19.21 12.01 12.48
N GLU A 57 -19.55 11.82 11.20
CA GLU A 57 -19.18 10.59 10.52
C GLU A 57 -17.68 10.42 10.43
N HIS A 58 -16.97 11.50 10.06
CA HIS A 58 -15.53 11.38 9.86
C HIS A 58 -14.79 11.32 11.20
N LEU A 59 -15.33 11.97 12.24
CA LEU A 59 -14.71 11.84 13.55
C LEU A 59 -14.76 10.41 14.05
N ARG A 60 -15.90 9.73 13.87
CA ARG A 60 -16.00 8.34 14.28
C ARG A 60 -14.98 7.48 13.52
N ASP A 61 -14.84 7.69 12.21
CA ASP A 61 -13.83 6.98 11.44
C ASP A 61 -12.43 7.28 11.95
N PHE A 62 -12.13 8.55 12.20
CA PHE A 62 -10.80 8.93 12.66
C PHE A 62 -10.48 8.31 14.02
N GLU A 63 -11.47 8.28 14.92
CA GLU A 63 -11.29 7.63 16.21
C GLU A 63 -10.88 6.17 16.05
N ARG A 64 -11.53 5.46 15.12
CA ARG A 64 -11.17 4.06 14.92
C ARG A 64 -9.80 3.93 14.28
N GLU A 65 -9.44 4.85 13.38
CA GLU A 65 -8.10 4.84 12.78
C GLU A 65 -7.02 4.97 13.85
N ILE A 66 -7.23 5.87 14.81
CA ILE A 66 -6.26 6.08 15.89
C ILE A 66 -6.11 4.82 16.72
N GLU A 67 -7.23 4.20 17.11
CA GLU A 67 -7.15 2.96 17.88
C GLU A 67 -6.43 1.87 17.09
N ILE A 68 -6.69 1.78 15.77
N ILE A 68 -6.69 1.78 15.77
CA ILE A 68 -6.01 0.80 14.95
CA ILE A 68 -6.01 0.79 14.94
C ILE A 68 -4.50 1.01 14.98
C ILE A 68 -4.50 1.01 14.98
N LEU A 69 -4.05 2.24 14.72
CA LEU A 69 -2.62 2.52 14.70
C LEU A 69 -1.99 2.31 16.07
N LYS A 70 -2.69 2.73 17.13
CA LYS A 70 -2.21 2.50 18.49
C LYS A 70 -1.97 1.02 18.77
N SER A 71 -2.80 0.14 18.20
CA SER A 71 -2.71 -1.28 18.46
C SER A 71 -1.56 -1.95 17.71
N LEU A 72 -0.92 -1.26 16.79
CA LEU A 72 0.11 -1.83 15.93
C LEU A 72 1.50 -1.43 16.41
N GLN A 73 2.36 -2.43 16.63
CA GLN A 73 3.77 -2.20 16.96
C GLN A 73 4.61 -3.08 16.05
N HIS A 74 5.22 -2.46 15.03
CA HIS A 74 6.00 -3.21 14.06
C HIS A 74 7.04 -2.27 13.45
N ASP A 75 8.24 -2.80 13.19
CA ASP A 75 9.28 -1.98 12.58
C ASP A 75 8.84 -1.37 11.26
N ASN A 76 7.91 -2.01 10.54
CA ASN A 76 7.51 -1.53 9.22
C ASN A 76 6.10 -0.95 9.22
N ILE A 77 5.68 -0.39 10.35
CA ILE A 77 4.44 0.37 10.46
C ILE A 77 4.77 1.67 11.19
N VAL A 78 4.30 2.80 10.63
CA VAL A 78 4.62 4.10 11.21
C VAL A 78 4.16 4.13 12.67
N LYS A 79 5.01 4.71 13.53
CA LYS A 79 4.83 4.55 14.98
C LYS A 79 3.81 5.54 15.51
N TYR A 80 2.77 5.02 16.15
CA TYR A 80 1.86 5.85 16.94
C TYR A 80 2.59 6.46 18.13
N LYS A 81 2.31 7.73 18.41
CA LYS A 81 2.91 8.38 19.57
C LYS A 81 1.92 9.00 20.54
N GLY A 82 0.68 9.27 20.14
CA GLY A 82 -0.29 9.83 21.06
C GLY A 82 -1.36 10.59 20.32
N VAL A 83 -2.25 11.20 21.10
CA VAL A 83 -3.34 12.01 20.56
C VAL A 83 -3.28 13.39 21.20
N CYS A 84 -3.97 14.34 20.57
CA CYS A 84 -4.04 15.72 21.04
C CYS A 84 -5.51 16.11 21.18
N TYR A 85 -5.95 16.33 22.42
CA TYR A 85 -7.32 16.71 22.75
C TYR A 85 -8.37 15.87 22.04
N LEU A 92 -9.46 16.77 17.59
CA LEU A 92 -8.74 15.51 17.73
C LEU A 92 -7.60 15.43 16.72
N LYS A 93 -6.39 15.23 17.23
CA LYS A 93 -5.20 15.12 16.39
C LYS A 93 -4.47 13.82 16.71
N LEU A 94 -3.92 13.20 15.67
CA LEU A 94 -3.17 11.95 15.79
C LEU A 94 -1.68 12.24 15.64
N ILE A 95 -0.89 11.89 16.66
CA ILE A 95 0.53 12.17 16.69
C ILE A 95 1.32 10.92 16.34
N MET A 96 2.18 11.03 15.33
CA MET A 96 3.00 9.91 14.89
C MET A 96 4.44 10.37 14.71
N GLU A 97 5.33 9.39 14.66
CA GLU A 97 6.72 9.69 14.32
C GLU A 97 6.81 10.32 12.93
N TYR A 98 7.79 11.20 12.76
CA TYR A 98 8.06 11.85 11.50
C TYR A 98 9.06 11.01 10.73
N LEU A 99 8.72 10.66 9.48
CA LEU A 99 9.63 9.90 8.64
C LEU A 99 10.20 10.85 7.58
N PRO A 100 11.49 11.17 7.62
CA PRO A 100 11.97 12.35 6.88
C PRO A 100 12.12 12.17 5.38
N TYR A 101 12.06 10.96 4.84
CA TYR A 101 12.21 10.80 3.40
C TYR A 101 10.86 10.75 2.65
N GLY A 102 9.75 10.93 3.36
CA GLY A 102 8.49 11.11 2.66
C GLY A 102 7.97 9.81 2.07
N SER A 103 7.16 9.93 1.03
CA SER A 103 6.60 8.70 0.52
C SER A 103 7.60 8.01 -0.40
N LEU A 104 7.43 6.68 -0.49
CA LEU A 104 8.27 5.88 -1.36
C LEU A 104 8.20 6.34 -2.81
N ARG A 105 7.07 6.91 -3.24
N ARG A 105 7.06 6.91 -3.23
CA ARG A 105 6.95 7.41 -4.60
CA ARG A 105 6.94 7.42 -4.59
C ARG A 105 7.95 8.53 -4.87
C ARG A 105 7.93 8.54 -4.87
N ASP A 106 7.97 9.55 -4.00
CA ASP A 106 8.90 10.64 -4.18
C ASP A 106 10.32 10.15 -4.01
N TYR A 107 10.53 9.24 -3.05
CA TYR A 107 11.89 8.76 -2.79
C TYR A 107 12.40 7.93 -3.96
N LEU A 108 11.57 6.98 -4.45
CA LEU A 108 12.02 6.12 -5.54
C LEU A 108 12.24 6.95 -6.80
N GLN A 109 11.37 7.95 -7.04
CA GLN A 109 11.55 8.84 -8.18
C GLN A 109 12.88 9.59 -8.11
N LYS A 110 13.21 10.14 -6.93
CA LYS A 110 14.42 10.94 -6.80
C LYS A 110 15.69 10.09 -6.82
N HIS A 111 15.62 8.81 -6.47
CA HIS A 111 16.82 8.00 -6.31
C HIS A 111 16.86 6.81 -7.25
N LYS A 112 15.97 6.77 -8.25
CA LYS A 112 15.85 5.68 -9.22
C LYS A 112 17.18 5.00 -9.55
N GLU A 113 18.14 5.79 -10.05
CA GLU A 113 19.34 5.22 -10.65
C GLU A 113 20.21 4.47 -9.64
N ARG A 114 19.98 4.68 -8.34
CA ARG A 114 20.79 4.06 -7.32
C ARG A 114 20.02 3.03 -6.52
N ILE A 115 18.83 2.65 -6.99
N ILE A 115 18.83 2.65 -6.99
CA ILE A 115 18.00 1.65 -6.32
CA ILE A 115 18.00 1.65 -6.32
C ILE A 115 17.96 0.45 -7.26
C ILE A 115 17.96 0.45 -7.26
N ASP A 116 18.77 -0.57 -6.94
CA ASP A 116 18.85 -1.79 -7.71
C ASP A 116 17.71 -2.73 -7.30
N HIS A 117 17.57 -3.87 -7.98
CA HIS A 117 16.47 -4.80 -7.66
C HIS A 117 16.59 -5.38 -6.26
N ILE A 118 17.82 -5.59 -5.78
CA ILE A 118 17.97 -6.15 -4.44
C ILE A 118 17.40 -5.17 -3.40
N LYS A 119 17.62 -3.88 -3.61
CA LYS A 119 17.01 -2.85 -2.76
C LYS A 119 15.50 -2.82 -2.91
N LEU A 120 14.97 -2.93 -4.14
CA LEU A 120 13.52 -2.96 -4.31
C LEU A 120 12.91 -4.12 -3.53
N LEU A 121 13.59 -5.27 -3.54
CA LEU A 121 13.08 -6.43 -2.80
C LEU A 121 13.24 -6.26 -1.31
N GLN A 122 14.23 -5.48 -0.85
CA GLN A 122 14.30 -5.16 0.58
C GLN A 122 13.05 -4.39 1.01
N TYR A 123 12.64 -3.38 0.23
CA TYR A 123 11.39 -2.69 0.54
C TYR A 123 10.19 -3.62 0.43
N THR A 124 10.17 -4.47 -0.61
CA THR A 124 9.06 -5.39 -0.82
C THR A 124 8.88 -6.31 0.38
N SER A 125 9.99 -6.86 0.88
CA SER A 125 9.97 -7.72 2.05
C SER A 125 9.41 -6.99 3.27
N GLN A 126 9.86 -5.76 3.50
CA GLN A 126 9.39 -5.02 4.67
C GLN A 126 7.89 -4.73 4.58
N ILE A 127 7.40 -4.36 3.39
CA ILE A 127 5.95 -4.17 3.21
C ILE A 127 5.21 -5.48 3.49
N CYS A 128 5.70 -6.59 2.94
N CYS A 128 5.74 -6.59 2.98
CA CYS A 128 5.05 -7.88 3.18
CA CYS A 128 5.11 -7.89 3.15
C CYS A 128 4.97 -8.20 4.66
C CYS A 128 5.02 -8.30 4.62
N LYS A 129 6.07 -8.01 5.40
CA LYS A 129 6.06 -8.37 6.80
C LYS A 129 5.15 -7.46 7.60
N GLY A 130 5.08 -6.17 7.24
CA GLY A 130 4.06 -5.32 7.84
C GLY A 130 2.66 -5.84 7.59
N MET A 131 2.37 -6.28 6.37
CA MET A 131 1.04 -6.78 6.05
C MET A 131 0.77 -8.11 6.74
N GLU A 132 1.78 -8.99 6.81
CA GLU A 132 1.65 -10.21 7.60
C GLU A 132 1.23 -9.89 9.03
N TYR A 133 1.87 -8.89 9.63
CA TYR A 133 1.55 -8.53 11.01
C TYR A 133 0.15 -7.96 11.12
N LEU A 134 -0.23 -7.07 10.19
CA LEU A 134 -1.61 -6.57 10.11
C LEU A 134 -2.60 -7.72 10.07
N GLY A 135 -2.29 -8.78 9.32
CA GLY A 135 -3.21 -9.90 9.24
C GLY A 135 -3.43 -10.60 10.56
N THR A 136 -2.41 -10.61 11.43
CA THR A 136 -2.58 -11.26 12.73
C THR A 136 -3.54 -10.51 13.64
N LYS A 137 -3.82 -9.25 13.35
CA LYS A 137 -4.86 -8.52 14.08
C LYS A 137 -6.22 -8.61 13.39
N ARG A 138 -6.29 -9.30 12.25
CA ARG A 138 -7.48 -9.34 11.40
C ARG A 138 -7.86 -7.93 10.94
N TYR A 139 -6.85 -7.13 10.59
CA TYR A 139 -7.06 -5.84 9.97
C TYR A 139 -6.89 -5.97 8.46
N ILE A 140 -7.77 -5.31 7.71
CA ILE A 140 -7.67 -5.21 6.26
C ILE A 140 -7.25 -3.79 5.92
N HIS A 141 -6.17 -3.64 5.15
CA HIS A 141 -5.64 -2.29 4.92
C HIS A 141 -6.48 -1.51 3.90
N ARG A 142 -6.89 -2.15 2.81
CA ARG A 142 -7.80 -1.61 1.80
C ARG A 142 -7.20 -0.48 0.96
N ASP A 143 -5.92 -0.10 1.16
CA ASP A 143 -5.36 1.03 0.40
C ASP A 143 -3.87 0.82 0.11
N LEU A 144 -3.44 -0.43 -0.05
CA LEU A 144 -2.03 -0.73 -0.24
C LEU A 144 -1.57 -0.25 -1.61
N ALA A 145 -0.65 0.71 -1.62
CA ALA A 145 -0.16 1.37 -2.84
C ALA A 145 1.12 2.09 -2.44
N THR A 146 2.01 2.34 -3.40
CA THR A 146 3.25 2.99 -2.98
C THR A 146 3.01 4.38 -2.39
N ARG A 147 1.89 5.02 -2.74
N ARG A 147 1.90 5.04 -2.72
CA ARG A 147 1.56 6.33 -2.17
CA ARG A 147 1.64 6.35 -2.14
C ARG A 147 1.40 6.27 -0.65
C ARG A 147 1.40 6.28 -0.64
N ASN A 148 1.12 5.09 -0.10
CA ASN A 148 0.86 4.95 1.33
C ASN A 148 2.04 4.36 2.09
N ILE A 149 3.18 4.19 1.43
CA ILE A 149 4.40 3.71 2.06
C ILE A 149 5.30 4.91 2.25
N LEU A 150 5.89 5.03 3.44
CA LEU A 150 6.77 6.13 3.79
C LEU A 150 8.19 5.60 4.02
N VAL A 151 9.17 6.49 3.87
CA VAL A 151 10.59 6.10 3.92
C VAL A 151 11.24 6.74 5.14
N GLU A 152 11.72 5.91 6.07
CA GLU A 152 12.45 6.45 7.20
C GLU A 152 13.88 6.80 6.81
N ASN A 153 14.57 5.86 6.15
CA ASN A 153 15.92 6.07 5.64
C ASN A 153 16.13 5.09 4.50
N GLU A 154 17.36 5.07 3.95
CA GLU A 154 17.62 4.22 2.78
C GLU A 154 17.36 2.74 3.04
N ASN A 155 17.35 2.32 4.30
CA ASN A 155 17.18 0.90 4.63
C ASN A 155 15.83 0.56 5.27
N ARG A 156 14.90 1.50 5.38
CA ARG A 156 13.66 1.13 6.06
C ARG A 156 12.48 1.94 5.56
N VAL A 157 11.45 1.22 5.13
CA VAL A 157 10.17 1.81 4.77
C VAL A 157 9.12 1.26 5.71
N LYS A 158 7.99 1.98 5.77
CA LYS A 158 6.93 1.69 6.73
C LYS A 158 5.58 1.96 6.06
N ILE A 159 4.60 1.11 6.33
CA ILE A 159 3.22 1.40 5.93
C ILE A 159 2.76 2.62 6.71
N GLY A 160 2.26 3.63 5.99
CA GLY A 160 2.25 4.97 6.56
C GLY A 160 0.91 5.66 6.66
N ASP A 161 -0.15 5.01 6.21
CA ASP A 161 -1.48 5.55 6.35
C ASP A 161 -2.46 4.41 6.54
N PHE A 162 -3.41 4.58 7.44
CA PHE A 162 -4.37 3.53 7.79
C PHE A 162 -5.79 4.07 7.70
N GLY A 163 -5.99 5.07 6.84
CA GLY A 163 -7.26 5.79 6.83
C GLY A 163 -8.43 4.99 6.30
N LEU A 164 -8.19 3.94 5.52
CA LEU A 164 -9.26 3.09 5.03
C LEU A 164 -9.30 1.74 5.72
N THR A 165 -8.38 1.49 6.65
CA THR A 165 -8.21 0.17 7.25
C THR A 165 -9.46 -0.24 8.02
N LYS A 166 -9.87 -1.51 7.86
CA LYS A 166 -11.03 -2.04 8.55
C LYS A 166 -10.63 -3.21 9.45
N VAL A 167 -11.33 -3.35 10.57
CA VAL A 167 -11.22 -4.54 11.40
C VAL A 167 -12.28 -5.53 10.94
N LEU A 168 -11.88 -6.76 10.64
CA LEU A 168 -12.83 -7.74 10.16
C LEU A 168 -13.90 -8.02 11.21
N PRO A 169 -15.15 -8.26 10.80
CA PRO A 169 -16.17 -8.69 11.75
C PRO A 169 -15.88 -10.10 12.25
N GLN A 170 -16.50 -10.43 13.37
CA GLN A 170 -16.29 -11.74 13.96
C GLN A 170 -16.85 -12.85 13.08
N ASP A 171 -17.91 -12.57 12.32
CA ASP A 171 -18.65 -13.61 11.61
C ASP A 171 -18.23 -13.78 10.15
N LYS A 172 -17.18 -13.07 9.69
CA LYS A 172 -16.82 -13.10 8.28
C LYS A 172 -15.31 -12.91 8.11
N GLU A 173 -14.81 -13.33 6.94
CA GLU A 173 -13.40 -13.14 6.58
C GLU A 173 -13.25 -11.98 5.59
N PTR A 174 -14.29 -11.18 5.46
CA PTR A 174 -14.26 -10.04 4.56
C PTR A 174 -15.06 -8.89 5.17
O PTR A 174 -15.87 -9.09 6.06
CB PTR A 174 -14.79 -10.40 3.16
CG PTR A 174 -16.28 -10.74 3.15
CD1 PTR A 174 -16.73 -12.06 3.21
CD2 PTR A 174 -17.22 -9.74 3.10
CE1 PTR A 174 -18.08 -12.35 3.20
CE2 PTR A 174 -18.57 -10.01 3.10
CZ PTR A 174 -19.00 -11.31 3.14
OH PTR A 174 -20.29 -11.50 3.15
P PTR A 174 -20.97 -12.80 2.51
O1P PTR A 174 -20.63 -14.01 3.41
O2P PTR A 174 -22.43 -12.56 2.49
O3P PTR A 174 -20.43 -13.04 1.09
N PTR A 175 -14.85 -7.68 4.65
CA PTR A 175 -15.61 -6.50 5.05
C PTR A 175 -16.24 -5.90 3.79
O PTR A 175 -15.54 -5.71 2.79
CB PTR A 175 -14.72 -5.48 5.76
CG PTR A 175 -15.46 -4.59 6.75
CD1 PTR A 175 -15.36 -4.83 8.12
CD2 PTR A 175 -16.23 -3.52 6.34
CE1 PTR A 175 -16.02 -4.04 9.04
CE2 PTR A 175 -16.90 -2.71 7.26
CZ PTR A 175 -16.78 -2.98 8.61
OH PTR A 175 -17.39 -2.27 9.53
P PTR A 175 -17.68 -0.70 9.44
O1P PTR A 175 -18.10 -0.17 10.82
O2P PTR A 175 -18.82 -0.45 8.44
O3P PTR A 175 -16.46 0.01 9.00
N LYS A 176 -17.53 -5.60 3.85
CA LYS A 176 -18.21 -4.95 2.72
C LYS A 176 -18.30 -3.45 2.94
N VAL A 177 -17.70 -2.66 2.03
CA VAL A 177 -17.66 -1.20 2.14
C VAL A 177 -18.13 -0.60 0.83
N LYS A 178 -19.17 0.23 0.88
CA LYS A 178 -19.66 0.93 -0.31
C LYS A 178 -18.69 2.03 -0.75
N SER A 183 -12.71 5.88 -5.55
CA SER A 183 -11.91 4.73 -5.13
C SER A 183 -10.74 4.50 -6.10
N PRO A 184 -9.61 4.02 -5.58
CA PRO A 184 -8.43 3.72 -6.45
C PRO A 184 -8.59 2.37 -7.14
N ILE A 185 -9.48 2.36 -8.13
CA ILE A 185 -9.93 1.11 -8.75
C ILE A 185 -8.81 0.34 -9.41
N PHE A 186 -7.74 1.00 -9.84
CA PHE A 186 -6.70 0.27 -10.54
C PHE A 186 -5.80 -0.54 -9.60
N TRP A 187 -6.08 -0.51 -8.28
CA TRP A 187 -5.41 -1.37 -7.31
C TRP A 187 -6.36 -2.42 -6.73
N TYR A 188 -7.64 -2.41 -7.14
CA TYR A 188 -8.68 -3.24 -6.54
C TYR A 188 -8.73 -4.64 -7.12
N ALA A 189 -8.85 -5.65 -6.25
CA ALA A 189 -9.19 -6.99 -6.68
C ALA A 189 -10.54 -7.01 -7.41
N PRO A 190 -10.78 -8.02 -8.27
CA PRO A 190 -12.06 -8.08 -9.00
C PRO A 190 -13.28 -8.09 -8.08
N GLU A 191 -13.21 -8.85 -6.98
CA GLU A 191 -14.37 -8.92 -6.10
C GLU A 191 -14.58 -7.63 -5.32
N SER A 192 -13.54 -6.81 -5.13
CA SER A 192 -13.71 -5.48 -4.56
C SER A 192 -14.43 -4.58 -5.54
N LEU A 193 -14.10 -4.70 -6.83
CA LEU A 193 -14.80 -3.92 -7.85
C LEU A 193 -16.25 -4.36 -7.98
N THR A 194 -16.52 -5.66 -7.95
CA THR A 194 -17.87 -6.14 -8.24
C THR A 194 -18.77 -6.22 -7.02
N GLU A 195 -18.25 -6.65 -5.88
CA GLU A 195 -19.07 -6.86 -4.69
C GLU A 195 -18.70 -5.95 -3.53
N SER A 196 -17.77 -5.01 -3.75
CA SER A 196 -17.29 -4.12 -2.68
C SER A 196 -16.76 -4.91 -1.49
N LYS A 197 -16.22 -6.10 -1.74
CA LYS A 197 -15.71 -6.99 -0.69
C LYS A 197 -14.22 -6.82 -0.54
N PHE A 198 -13.76 -6.64 0.69
CA PHE A 198 -12.36 -6.46 1.00
C PHE A 198 -11.93 -7.51 2.03
N SER A 199 -10.73 -8.05 1.84
CA SER A 199 -10.26 -9.19 2.61
C SER A 199 -8.74 -9.19 2.57
N VAL A 200 -8.13 -10.08 3.36
CA VAL A 200 -6.68 -10.26 3.25
C VAL A 200 -6.31 -10.58 1.81
N ALA A 201 -7.15 -11.36 1.14
CA ALA A 201 -6.89 -11.71 -0.26
C ALA A 201 -6.93 -10.50 -1.19
N SER A 202 -7.83 -9.54 -0.94
CA SER A 202 -7.80 -8.35 -1.81
C SER A 202 -6.62 -7.45 -1.46
N ASP A 203 -6.16 -7.47 -0.20
CA ASP A 203 -4.89 -6.81 0.11
C ASP A 203 -3.74 -7.46 -0.66
N VAL A 204 -3.76 -8.78 -0.81
CA VAL A 204 -2.70 -9.47 -1.56
C VAL A 204 -2.72 -9.05 -3.02
N TRP A 205 -3.90 -9.00 -3.65
CA TRP A 205 -4.00 -8.46 -5.00
C TRP A 205 -3.33 -7.10 -5.10
N SER A 206 -3.68 -6.17 -4.20
CA SER A 206 -3.12 -4.82 -4.24
C SER A 206 -1.62 -4.82 -4.00
N PHE A 207 -1.13 -5.71 -3.13
CA PHE A 207 0.32 -5.88 -3.00
C PHE A 207 0.97 -6.24 -4.34
N GLY A 208 0.35 -7.13 -5.11
CA GLY A 208 0.84 -7.40 -6.46
C GLY A 208 1.00 -6.12 -7.28
N VAL A 209 0.02 -5.22 -7.19
CA VAL A 209 0.14 -3.93 -7.90
C VAL A 209 1.27 -3.08 -7.30
N VAL A 210 1.43 -3.08 -5.97
CA VAL A 210 2.60 -2.41 -5.37
C VAL A 210 3.89 -2.95 -5.96
N LEU A 211 4.00 -4.26 -6.10
CA LEU A 211 5.24 -4.84 -6.61
C LEU A 211 5.47 -4.39 -8.05
N TYR A 212 4.38 -4.28 -8.82
CA TYR A 212 4.44 -3.73 -10.16
C TYR A 212 4.91 -2.28 -10.14
N GLU A 213 4.33 -1.45 -9.24
CA GLU A 213 4.78 -0.06 -9.13
C GLU A 213 6.28 0.01 -8.85
N LEU A 214 6.79 -0.81 -7.94
CA LEU A 214 8.21 -0.74 -7.62
C LEU A 214 9.07 -1.10 -8.82
N PHE A 215 8.73 -2.19 -9.52
CA PHE A 215 9.59 -2.60 -10.62
C PHE A 215 9.40 -1.78 -11.90
N THR A 216 8.42 -0.87 -11.94
CA THR A 216 8.43 0.17 -12.98
C THR A 216 9.07 1.44 -12.47
N TYR A 217 9.65 1.41 -11.27
CA TYR A 217 10.29 2.58 -10.68
C TYR A 217 9.34 3.78 -10.64
N ILE A 218 8.06 3.48 -10.43
CA ILE A 218 6.90 4.39 -10.35
C ILE A 218 6.88 5.41 -11.49
N GLU A 219 7.44 5.04 -12.65
CA GLU A 219 7.31 5.86 -13.84
C GLU A 219 5.84 6.08 -14.19
N LYS A 220 5.46 7.35 -14.35
CA LYS A 220 4.02 7.66 -14.45
C LYS A 220 3.42 7.07 -15.72
N SER A 221 4.17 7.06 -16.83
CA SER A 221 3.63 6.53 -18.07
C SER A 221 3.40 5.03 -18.00
N LYS A 222 4.04 4.35 -17.04
CA LYS A 222 3.88 2.92 -16.81
C LYS A 222 2.97 2.63 -15.63
N SER A 223 2.36 3.63 -15.03
CA SER A 223 1.61 3.43 -13.80
C SER A 223 0.38 2.55 -14.08
N PRO A 224 -0.16 1.88 -13.07
CA PRO A 224 -1.34 1.05 -13.29
C PRO A 224 -2.44 1.81 -14.02
N PRO A 225 -2.77 3.07 -13.64
CA PRO A 225 -3.87 3.74 -14.36
C PRO A 225 -3.57 3.99 -15.82
N ALA A 226 -2.32 4.38 -16.13
CA ALA A 226 -1.97 4.65 -17.52
C ALA A 226 -2.04 3.36 -18.33
N GLU A 227 -1.47 2.27 -17.81
CA GLU A 227 -1.47 0.98 -18.50
C GLU A 227 -2.88 0.45 -18.68
N PHE A 228 -3.69 0.44 -17.63
CA PHE A 228 -5.05 -0.06 -17.77
C PHE A 228 -5.85 0.79 -18.75
N MET A 229 -5.70 2.12 -18.70
CA MET A 229 -6.51 2.94 -19.61
C MET A 229 -6.12 2.69 -21.06
N ARG A 230 -4.82 2.46 -21.32
CA ARG A 230 -4.44 2.12 -22.68
C ARG A 230 -5.00 0.77 -23.09
N MET A 231 -5.00 -0.20 -22.17
N MET A 231 -4.98 -0.20 -22.18
CA MET A 231 -5.50 -1.52 -22.51
CA MET A 231 -5.47 -1.53 -22.52
C MET A 231 -7.01 -1.52 -22.70
C MET A 231 -6.99 -1.52 -22.72
N ILE A 232 -7.73 -0.74 -21.88
N ILE A 232 -7.70 -0.77 -21.89
CA ILE A 232 -9.17 -0.61 -22.05
CA ILE A 232 -9.15 -0.63 -22.06
C ILE A 232 -9.48 0.12 -23.34
C ILE A 232 -9.47 0.11 -23.35
N GLY A 233 -8.66 1.10 -23.70
CA GLY A 233 -8.92 1.94 -24.83
C GLY A 233 -9.33 3.31 -24.35
N ASN A 234 -8.66 4.35 -24.84
CA ASN A 234 -8.99 5.72 -24.49
C ASN A 234 -10.11 6.24 -25.39
N ASP A 235 -11.21 5.48 -25.40
CA ASP A 235 -12.44 5.84 -26.09
C ASP A 235 -13.61 5.85 -25.13
N LYS A 236 -13.36 6.24 -23.88
CA LYS A 236 -14.38 6.21 -22.83
C LYS A 236 -14.55 7.60 -22.19
N GLY A 238 -16.17 7.26 -16.77
CA GLY A 238 -16.41 7.21 -15.34
C GLY A 238 -16.79 5.82 -14.86
N GLN A 239 -18.09 5.57 -14.69
CA GLN A 239 -18.53 4.23 -14.32
C GLN A 239 -18.19 3.23 -15.41
N MET A 240 -18.15 3.69 -16.67
CA MET A 240 -17.78 2.81 -17.76
C MET A 240 -16.35 2.30 -17.64
N ILE A 241 -15.43 3.11 -17.11
CA ILE A 241 -14.09 2.60 -16.89
C ILE A 241 -14.12 1.39 -15.97
N VAL A 242 -14.88 1.47 -14.88
CA VAL A 242 -14.94 0.32 -13.97
C VAL A 242 -15.53 -0.89 -14.68
N PHE A 243 -16.59 -0.68 -15.48
CA PHE A 243 -17.17 -1.77 -16.26
C PHE A 243 -16.10 -2.44 -17.12
N HIS A 244 -15.35 -1.65 -17.88
CA HIS A 244 -14.37 -2.26 -18.78
C HIS A 244 -13.18 -2.83 -18.03
N LEU A 245 -12.82 -2.24 -16.88
CA LEU A 245 -11.77 -2.85 -16.08
C LEU A 245 -12.19 -4.23 -15.57
N ILE A 246 -13.45 -4.36 -15.12
CA ILE A 246 -13.96 -5.65 -14.68
C ILE A 246 -13.93 -6.66 -15.82
N GLU A 247 -14.40 -6.24 -17.00
CA GLU A 247 -14.39 -7.17 -18.13
C GLU A 247 -12.97 -7.58 -18.49
N LEU A 248 -12.06 -6.60 -18.50
CA LEU A 248 -10.66 -6.90 -18.80
C LEU A 248 -10.10 -7.93 -17.83
N LEU A 249 -10.31 -7.71 -16.53
CA LEU A 249 -9.73 -8.62 -15.54
C LEU A 249 -10.36 -10.00 -15.63
N LYS A 250 -11.68 -10.05 -15.84
CA LYS A 250 -12.36 -11.34 -15.99
C LYS A 250 -11.82 -12.13 -17.17
N ASN A 251 -11.38 -11.44 -18.23
CA ASN A 251 -10.77 -12.09 -19.40
C ASN A 251 -9.28 -12.29 -19.25
N ASN A 252 -8.77 -12.15 -18.02
CA ASN A 252 -7.37 -12.36 -17.66
C ASN A 252 -6.41 -11.38 -18.34
N GLY A 253 -6.90 -10.20 -18.70
CA GLY A 253 -5.99 -9.10 -18.99
C GLY A 253 -5.28 -8.66 -17.72
N ARG A 254 -4.00 -8.33 -17.84
CA ARG A 254 -3.18 -7.99 -16.69
C ARG A 254 -2.17 -6.92 -17.06
N LEU A 255 -1.67 -6.23 -16.03
CA LEU A 255 -0.53 -5.34 -16.21
C LEU A 255 0.64 -6.16 -16.79
N PRO A 256 1.42 -5.59 -17.71
CA PRO A 256 2.52 -6.34 -18.34
C PRO A 256 3.72 -6.48 -17.41
N ARG A 257 4.63 -7.38 -17.77
CA ARG A 257 5.89 -7.51 -17.05
C ARG A 257 6.72 -6.24 -17.25
N PRO A 258 7.11 -5.54 -16.19
CA PRO A 258 7.94 -4.34 -16.38
C PRO A 258 9.27 -4.66 -17.06
N ASP A 259 9.76 -3.67 -17.80
CA ASP A 259 11.09 -3.77 -18.40
C ASP A 259 12.14 -4.10 -17.36
N GLY A 260 12.94 -5.13 -17.64
CA GLY A 260 14.00 -5.51 -16.73
C GLY A 260 13.57 -6.34 -15.54
N CYS A 261 12.27 -6.58 -15.38
CA CYS A 261 11.78 -7.30 -14.20
C CYS A 261 12.04 -8.80 -14.36
N PRO A 262 12.75 -9.44 -13.43
CA PRO A 262 13.00 -10.88 -13.59
C PRO A 262 11.71 -11.68 -13.54
N ASP A 263 11.70 -12.79 -14.29
CA ASP A 263 10.49 -13.60 -14.45
C ASP A 263 9.93 -14.05 -13.11
N GLU A 264 10.80 -14.43 -12.17
CA GLU A 264 10.35 -14.90 -10.86
C GLU A 264 9.56 -13.82 -10.12
N ILE A 265 9.94 -12.57 -10.30
CA ILE A 265 9.23 -11.47 -9.63
C ILE A 265 7.91 -11.19 -10.32
N TYR A 266 7.90 -11.20 -11.66
CA TYR A 266 6.63 -11.04 -12.35
C TYR A 266 5.70 -12.20 -12.03
N MET A 267 6.25 -13.40 -11.81
CA MET A 267 5.41 -14.54 -11.45
C MET A 267 4.70 -14.30 -10.12
N ILE A 268 5.38 -13.66 -9.17
CA ILE A 268 4.71 -13.33 -7.91
C ILE A 268 3.54 -12.38 -8.15
N MET A 269 3.74 -11.37 -9.01
CA MET A 269 2.67 -10.44 -9.32
C MET A 269 1.45 -11.19 -9.87
N THR A 270 1.68 -12.07 -10.84
CA THR A 270 0.55 -12.73 -11.47
C THR A 270 -0.16 -13.69 -10.53
N GLU A 271 0.56 -14.29 -9.58
CA GLU A 271 -0.09 -15.12 -8.56
C GLU A 271 -0.94 -14.28 -7.62
N CYS A 272 -0.46 -13.08 -7.26
CA CYS A 272 -1.28 -12.17 -6.48
C CYS A 272 -2.54 -11.78 -7.25
N TRP A 273 -2.45 -11.71 -8.57
CA TRP A 273 -3.57 -11.27 -9.41
C TRP A 273 -4.40 -12.42 -9.92
N ASN A 274 -4.62 -13.45 -9.11
CA ASN A 274 -5.51 -14.53 -9.52
C ASN A 274 -6.95 -14.10 -9.32
N ASN A 275 -7.80 -14.38 -10.31
CA ASN A 275 -9.22 -14.05 -10.17
C ASN A 275 -9.85 -14.86 -9.04
N ASN A 276 -9.36 -16.08 -8.81
CA ASN A 276 -9.89 -16.91 -7.74
C ASN A 276 -9.23 -16.48 -6.43
N VAL A 277 -10.05 -16.01 -5.49
CA VAL A 277 -9.53 -15.52 -4.21
C VAL A 277 -8.73 -16.60 -3.49
N ASN A 278 -9.20 -17.84 -3.53
CA ASN A 278 -8.57 -18.95 -2.82
C ASN A 278 -7.19 -19.30 -3.36
N GLN A 279 -6.85 -18.84 -4.57
CA GLN A 279 -5.57 -19.20 -5.16
C GLN A 279 -4.49 -18.17 -4.85
N ARG A 280 -4.84 -17.04 -4.24
CA ARG A 280 -3.80 -16.04 -4.02
C ARG A 280 -2.92 -16.46 -2.84
N PRO A 281 -1.64 -16.13 -2.89
CA PRO A 281 -0.73 -16.53 -1.81
C PRO A 281 -0.97 -15.72 -0.54
N SER A 282 -0.44 -16.25 0.57
CA SER A 282 -0.47 -15.52 1.84
C SER A 282 0.70 -14.54 1.92
N PHE A 283 0.56 -13.54 2.80
CA PHE A 283 1.67 -12.62 3.00
C PHE A 283 2.87 -13.30 3.62
N ARG A 284 2.65 -14.31 4.47
CA ARG A 284 3.78 -15.04 5.02
C ARG A 284 4.55 -15.74 3.92
N ASP A 285 3.84 -16.39 3.00
CA ASP A 285 4.51 -17.08 1.91
C ASP A 285 5.17 -16.08 0.96
N LEU A 286 4.53 -14.93 0.73
CA LEU A 286 5.15 -13.90 -0.10
C LEU A 286 6.45 -13.38 0.53
N ALA A 287 6.42 -13.11 1.84
CA ALA A 287 7.63 -12.66 2.52
C ALA A 287 8.76 -13.67 2.36
N LEU A 288 8.46 -14.97 2.55
CA LEU A 288 9.50 -15.98 2.43
C LEU A 288 10.04 -16.06 1.01
N ARG A 289 9.15 -16.01 0.01
CA ARG A 289 9.61 -16.09 -1.37
C ARG A 289 10.47 -14.88 -1.75
N VAL A 290 10.02 -13.68 -1.37
CA VAL A 290 10.77 -12.47 -1.69
C VAL A 290 12.17 -12.53 -1.08
N ASP A 291 12.24 -12.92 0.19
CA ASP A 291 13.53 -13.07 0.87
C ASP A 291 14.42 -14.08 0.15
N GLN A 292 13.84 -15.19 -0.32
CA GLN A 292 14.66 -16.20 -0.99
C GLN A 292 15.21 -15.66 -2.30
N ILE A 293 14.36 -14.99 -3.08
CA ILE A 293 14.77 -14.40 -4.34
C ILE A 293 15.84 -13.34 -4.12
N ARG A 294 15.63 -12.46 -3.13
CA ARG A 294 16.61 -11.43 -2.83
C ARG A 294 17.96 -12.06 -2.47
N ASP A 295 17.93 -13.10 -1.62
CA ASP A 295 19.19 -13.74 -1.24
C ASP A 295 19.84 -14.44 -2.43
N ASN A 296 19.04 -15.10 -3.28
CA ASN A 296 19.58 -15.71 -4.49
C ASN A 296 20.21 -14.67 -5.41
N MET A 297 19.53 -13.54 -5.61
CA MET A 297 20.08 -12.49 -6.46
C MET A 297 21.41 -11.98 -5.92
N ALA A 298 21.49 -11.74 -4.60
CA ALA A 298 22.71 -11.23 -3.99
C ALA A 298 23.86 -12.24 -4.02
N GLY A 299 23.55 -13.53 -3.90
CA GLY A 299 24.57 -14.54 -3.84
C GLY A 299 25.01 -15.06 -5.19
N GLY A 300 24.35 -14.65 -6.27
CA GLY A 300 24.64 -15.26 -7.55
C GLY A 300 23.96 -16.60 -7.74
N SER A 301 22.82 -16.79 -7.07
CA SER A 301 21.99 -17.98 -7.16
C SER A 301 22.71 -19.23 -6.68
C10 U8J B . 7.39 13.31 5.11
C12 U8J B . 5.91 12.00 6.80
C14 U8J B . 4.86 10.85 8.48
C15 U8J B . 3.64 10.83 7.84
C16 U8J B . 2.69 10.15 8.68
C17 U8J B . 3.39 9.77 9.84
C02 U8J B . 8.31 15.56 1.37
C04 U8J B . 9.95 17.10 0.03
C05 U8J B . 7.98 14.80 2.66
C06 U8J B . 6.72 14.27 2.92
C07 U8J B . 6.43 13.55 4.10
C08 U8J B . 8.94 14.56 3.64
C09 U8J B . 8.66 13.85 4.81
C19 U8J B . 3.68 11.48 6.58
C20 U8J B . 2.50 11.54 5.67
C21 U8J B . 1.39 10.68 5.61
C23 U8J B . -0.71 10.41 4.19
C24 U8J B . -0.46 9.60 2.90
C25 U8J B . 0.73 8.63 2.97
C27 U8J B . 2.27 12.44 4.57
N03 U8J B . 9.53 16.33 1.23
N11 U8J B . 7.15 12.58 6.33
N13 U8J B . 6.02 11.42 8.03
N18 U8J B . 4.70 10.22 9.69
N22 U8J B . 0.59 11.07 4.60
N26 U8J B . 1.12 12.15 3.94
N28 U8J B . 4.81 12.04 6.06
O01 U8J B . 7.55 15.49 0.41
C TRS C . 8.19 10.45 -16.25
C1 TRS C . 7.76 9.36 -17.24
C2 TRS C . 8.48 9.84 -14.87
C3 TRS C . 9.44 11.15 -16.74
N TRS C . 7.12 11.45 -16.12
O1 TRS C . 6.43 8.98 -17.02
O2 TRS C . 7.28 9.49 -14.25
O3 TRS C . 9.75 12.16 -15.79
C1 EDO D . -15.66 0.66 -6.19
O1 EDO D . -15.94 -0.56 -5.51
C2 EDO D . -15.96 0.49 -7.68
O2 EDO D . -17.20 -0.24 -7.82
#